data_3F23
#
_entry.id   3F23
#
_cell.length_a   86.219
_cell.length_b   86.219
_cell.length_c   71.177
_cell.angle_alpha   90.00
_cell.angle_beta   90.00
_cell.angle_gamma   90.00
#
_symmetry.space_group_name_H-M   'P 4 21 2'
#
loop_
_entity.id
_entity.type
_entity.pdbx_description
1 polymer 'Double-stranded RNA-specific adenosine deaminase'
2 polymer "DNA (5'-D(*DTP*DCP*DGP*DGP*DCP*DCP*DG)-3')"
3 water water
#
loop_
_entity_poly.entity_id
_entity_poly.type
_entity_poly.pdbx_seq_one_letter_code
_entity_poly.pdbx_strand_id
1 'polypeptide(L)'
;GSHMLSIYQDQEQRILKFLEELGEGKATTAHDLSGKLGTPKKEINRVLYSLAKKGKLQKEAGTPPLWKIAVSTQAWNQHS
G
;
A,B,C
2 'polydeoxyribonucleotide' (DT)(DC)(DG)(DG)(DC)(DC)(DG) D,E,F
#
# COMPACT_ATOMS: atom_id res chain seq x y z
N SER A 6 19.81 -7.78 -28.41
CA SER A 6 18.45 -7.63 -27.77
C SER A 6 18.41 -6.67 -26.57
N ILE A 7 17.39 -5.82 -26.51
CA ILE A 7 17.27 -4.88 -25.41
C ILE A 7 17.27 -5.60 -24.05
N TYR A 8 16.42 -6.60 -23.90
CA TYR A 8 16.36 -7.35 -22.65
C TYR A 8 17.75 -7.80 -22.24
N GLN A 9 18.54 -8.24 -23.20
CA GLN A 9 19.90 -8.69 -22.92
C GLN A 9 20.82 -7.51 -22.65
N ASP A 10 20.52 -6.37 -23.25
CA ASP A 10 21.30 -5.17 -23.00
C ASP A 10 21.12 -4.80 -21.53
N GLN A 11 19.87 -4.87 -21.05
CA GLN A 11 19.54 -4.56 -19.67
C GLN A 11 20.08 -5.59 -18.68
N GLU A 12 20.29 -6.84 -19.09
CA GLU A 12 20.84 -7.83 -18.16
C GLU A 12 22.31 -7.53 -17.95
N GLN A 13 22.97 -7.14 -19.03
CA GLN A 13 24.39 -6.82 -19.01
C GLN A 13 24.67 -5.51 -18.29
N ARG A 14 23.86 -4.50 -18.54
CA ARG A 14 24.07 -3.23 -17.86
C ARG A 14 23.97 -3.53 -16.36
N ILE A 15 23.01 -4.39 -15.99
CA ILE A 15 22.82 -4.77 -14.59
C ILE A 15 24.01 -5.55 -14.03
N LEU A 16 24.54 -6.50 -14.81
CA LEU A 16 25.69 -7.28 -14.38
C LEU A 16 26.94 -6.40 -14.30
N LYS A 17 27.11 -5.57 -15.32
CA LYS A 17 28.23 -4.65 -15.39
C LYS A 17 28.21 -3.75 -14.16
N PHE A 18 27.01 -3.26 -13.81
CA PHE A 18 26.88 -2.38 -12.66
C PHE A 18 27.23 -3.10 -11.35
N LEU A 19 26.73 -4.32 -11.19
CA LEU A 19 27.01 -5.07 -9.96
C LEU A 19 28.47 -5.50 -9.84
N GLU A 20 29.11 -5.76 -10.97
CA GLU A 20 30.51 -6.16 -10.99
C GLU A 20 31.37 -4.94 -10.69
N GLU A 21 30.94 -3.77 -11.17
CA GLU A 21 31.69 -2.54 -10.91
C GLU A 21 31.55 -2.16 -9.44
N LEU A 22 30.38 -2.44 -8.88
CA LEU A 22 30.17 -2.16 -7.49
C LEU A 22 31.13 -3.07 -6.72
N GLY A 23 31.41 -4.24 -7.29
CA GLY A 23 32.30 -5.17 -6.64
C GLY A 23 31.58 -6.44 -6.26
N GLU A 24 32.25 -7.58 -6.44
CA GLU A 24 31.66 -8.89 -6.13
C GLU A 24 31.10 -9.06 -4.71
N GLY A 25 31.66 -8.34 -3.75
CA GLY A 25 31.15 -8.45 -2.40
C GLY A 25 29.86 -7.65 -2.26
N LYS A 26 29.99 -6.33 -2.30
CA LYS A 26 28.87 -5.39 -2.16
C LYS A 26 27.57 -5.72 -2.90
N ALA A 27 26.45 -5.27 -2.32
CA ALA A 27 25.12 -5.51 -2.89
C ALA A 27 24.26 -4.24 -2.84
N THR A 28 23.24 -4.18 -3.69
CA THR A 28 22.35 -3.03 -3.69
C THR A 28 20.90 -3.41 -3.95
N THR A 29 20.02 -2.41 -3.91
CA THR A 29 18.59 -2.66 -4.11
C THR A 29 18.15 -2.40 -5.54
N ALA A 30 17.05 -3.05 -5.93
CA ALA A 30 16.48 -2.91 -7.26
C ALA A 30 16.21 -1.43 -7.52
N HIS A 31 15.86 -0.71 -6.45
CA HIS A 31 15.55 0.70 -6.52
C HIS A 31 16.78 1.52 -6.96
N ASP A 32 17.92 1.26 -6.34
CA ASP A 32 19.14 1.97 -6.69
C ASP A 32 19.49 1.62 -8.12
N LEU A 33 19.34 0.34 -8.44
CA LEU A 33 19.63 -0.16 -9.78
C LEU A 33 18.72 0.55 -10.78
N SER A 34 17.43 0.53 -10.50
CA SER A 34 16.43 1.20 -11.31
C SER A 34 16.81 2.68 -11.50
N GLY A 35 17.15 3.35 -10.41
CA GLY A 35 17.53 4.75 -10.47
C GLY A 35 18.77 5.02 -11.30
N LYS A 36 19.83 4.28 -10.98
CA LYS A 36 21.11 4.42 -11.66
C LYS A 36 21.07 4.09 -13.15
N LEU A 37 20.24 3.14 -13.55
CA LEU A 37 20.19 2.76 -14.95
C LEU A 37 19.03 3.40 -15.67
N GLY A 38 18.23 4.15 -14.92
CA GLY A 38 17.09 4.81 -15.52
C GLY A 38 16.20 3.81 -16.24
N THR A 39 15.88 2.73 -15.56
CA THR A 39 15.02 1.69 -16.10
C THR A 39 13.99 1.39 -15.02
N PRO A 40 12.70 1.38 -15.37
CA PRO A 40 11.63 1.10 -14.40
C PRO A 40 11.99 -0.03 -13.47
N LYS A 41 11.60 0.10 -12.20
CA LYS A 41 11.90 -0.91 -11.20
C LYS A 41 11.34 -2.26 -11.56
N LYS A 42 10.13 -2.28 -12.13
CA LYS A 42 9.50 -3.54 -12.51
C LYS A 42 10.40 -4.33 -13.43
N GLU A 43 10.88 -3.67 -14.48
CA GLU A 43 11.76 -4.32 -15.44
C GLU A 43 13.11 -4.72 -14.83
N ILE A 44 13.53 -4.01 -13.78
CA ILE A 44 14.79 -4.33 -13.11
C ILE A 44 14.60 -5.57 -12.25
N ASN A 45 13.44 -5.68 -11.59
CA ASN A 45 13.19 -6.84 -10.75
C ASN A 45 12.97 -8.12 -11.55
N ARG A 46 12.38 -8.00 -12.74
CA ARG A 46 12.15 -9.18 -13.56
C ARG A 46 13.50 -9.76 -13.97
N VAL A 47 14.46 -8.88 -14.27
CA VAL A 47 15.77 -9.34 -14.66
C VAL A 47 16.51 -9.81 -13.42
N LEU A 48 16.39 -9.05 -12.34
CA LEU A 48 17.08 -9.43 -11.11
C LEU A 48 16.70 -10.83 -10.67
N TYR A 49 15.38 -11.11 -10.65
CA TYR A 49 14.88 -12.42 -10.23
C TYR A 49 15.14 -13.51 -11.26
N SER A 50 15.28 -13.12 -12.53
CA SER A 50 15.55 -14.09 -13.59
C SER A 50 17.02 -14.49 -13.51
N LEU A 51 17.90 -13.50 -13.33
CA LEU A 51 19.32 -13.78 -13.21
C LEU A 51 19.57 -14.59 -11.95
N ALA A 52 18.73 -14.41 -10.94
CA ALA A 52 18.89 -15.13 -9.67
C ALA A 52 18.34 -16.54 -9.77
N LYS A 53 17.28 -16.68 -10.58
CA LYS A 53 16.61 -17.95 -10.80
C LYS A 53 17.59 -18.89 -11.49
N LYS A 54 18.56 -18.32 -12.19
CA LYS A 54 19.57 -19.09 -12.90
C LYS A 54 20.81 -19.29 -12.04
N GLY A 55 21.02 -18.42 -11.05
CA GLY A 55 22.17 -18.56 -10.19
C GLY A 55 23.29 -17.56 -10.38
N LYS A 56 23.13 -16.63 -11.33
CA LYS A 56 24.15 -15.62 -11.60
C LYS A 56 24.27 -14.62 -10.44
N LEU A 57 23.13 -14.15 -9.95
CA LEU A 57 23.10 -13.19 -8.85
C LEU A 57 22.58 -13.87 -7.59
N GLN A 58 22.96 -13.33 -6.44
CA GLN A 58 22.51 -13.86 -5.16
C GLN A 58 21.60 -12.84 -4.52
N LYS A 59 20.39 -13.27 -4.18
CA LYS A 59 19.43 -12.40 -3.54
C LYS A 59 19.48 -12.63 -2.05
N GLU A 60 19.67 -11.55 -1.31
CA GLU A 60 19.70 -11.62 0.16
C GLU A 60 18.32 -11.12 0.57
N ALA A 61 17.55 -11.97 1.23
CA ALA A 61 16.21 -11.58 1.66
C ALA A 61 16.24 -10.43 2.65
N GLY A 62 15.12 -9.75 2.73
CA GLY A 62 14.97 -8.61 3.61
C GLY A 62 13.99 -7.71 2.90
N THR A 63 13.85 -6.49 3.35
CA THR A 63 12.94 -5.57 2.70
C THR A 63 13.53 -4.16 2.76
N PRO A 64 13.90 -3.63 1.60
CA PRO A 64 13.76 -4.34 0.32
C PRO A 64 14.95 -5.27 0.12
N PRO A 65 14.79 -6.31 -0.71
CA PRO A 65 15.87 -7.27 -0.98
C PRO A 65 17.18 -6.64 -1.47
N LEU A 66 18.30 -7.29 -1.18
CA LEU A 66 19.60 -6.80 -1.63
C LEU A 66 20.07 -7.75 -2.73
N TRP A 67 20.81 -7.22 -3.70
CA TRP A 67 21.29 -8.02 -4.81
C TRP A 67 22.76 -7.79 -5.11
N LYS A 68 23.52 -8.89 -5.25
CA LYS A 68 24.95 -8.82 -5.55
C LYS A 68 25.42 -9.96 -6.48
N ILE A 69 26.55 -9.74 -7.15
CA ILE A 69 27.08 -10.81 -7.99
C ILE A 69 27.46 -11.91 -7.03
N ALA A 70 26.83 -13.07 -7.22
CA ALA A 70 27.04 -14.24 -6.37
C ALA A 70 28.51 -14.61 -6.12
N GLN B 9 -14.50 7.46 -8.30
CA GLN B 9 -15.91 7.31 -7.85
C GLN B 9 -16.73 6.41 -8.76
N ASP B 10 -16.74 6.73 -10.04
CA ASP B 10 -17.51 5.94 -11.00
C ASP B 10 -17.22 4.45 -10.86
N GLN B 11 -15.98 4.10 -10.55
CA GLN B 11 -15.61 2.70 -10.39
C GLN B 11 -16.15 2.09 -9.12
N GLU B 12 -16.20 2.87 -8.05
CA GLU B 12 -16.71 2.37 -6.77
C GLU B 12 -18.18 1.95 -6.92
N GLN B 13 -18.95 2.77 -7.64
CA GLN B 13 -20.36 2.47 -7.84
C GLN B 13 -20.57 1.29 -8.79
N ARG B 14 -19.71 1.18 -9.80
CA ARG B 14 -19.82 0.08 -10.77
C ARG B 14 -19.58 -1.25 -10.07
N ILE B 15 -18.45 -1.33 -9.38
CA ILE B 15 -18.07 -2.53 -8.65
C ILE B 15 -19.16 -2.93 -7.66
N LEU B 16 -19.61 -1.98 -6.86
CA LEU B 16 -20.65 -2.20 -5.87
C LEU B 16 -21.96 -2.59 -6.55
N LYS B 17 -22.20 -2.03 -7.74
CA LYS B 17 -23.40 -2.32 -8.50
C LYS B 17 -23.40 -3.75 -8.99
N PHE B 18 -22.22 -4.24 -9.38
CA PHE B 18 -22.06 -5.60 -9.87
C PHE B 18 -22.13 -6.57 -8.70
N LEU B 19 -21.56 -6.17 -7.56
CA LEU B 19 -21.55 -6.99 -6.36
C LEU B 19 -22.96 -7.00 -5.74
N GLU B 20 -23.83 -6.17 -6.30
CA GLU B 20 -25.20 -6.09 -5.83
C GLU B 20 -26.03 -6.96 -6.76
N GLU B 21 -25.87 -6.72 -8.07
CA GLU B 21 -26.60 -7.49 -9.08
C GLU B 21 -26.16 -8.95 -9.01
N LEU B 22 -25.18 -9.21 -8.15
CA LEU B 22 -24.65 -10.55 -7.97
C LEU B 22 -25.26 -11.28 -6.78
N GLY B 23 -25.30 -10.61 -5.64
CA GLY B 23 -25.84 -11.21 -4.44
C GLY B 23 -24.92 -10.94 -3.27
N GLU B 24 -25.46 -10.29 -2.24
CA GLU B 24 -24.69 -9.94 -1.06
C GLU B 24 -24.10 -11.14 -0.32
N GLY B 25 -24.54 -12.34 -0.69
CA GLY B 25 -24.04 -13.54 -0.06
C GLY B 25 -22.92 -14.16 -0.87
N LYS B 26 -22.97 -13.95 -2.19
CA LYS B 26 -21.97 -14.49 -3.11
C LYS B 26 -20.79 -13.52 -3.33
N ALA B 27 -19.59 -14.01 -3.06
CA ALA B 27 -18.38 -13.20 -3.22
C ALA B 27 -17.90 -13.18 -4.67
N THR B 28 -16.59 -13.06 -4.84
CA THR B 28 -15.96 -13.04 -6.16
C THR B 28 -14.57 -12.44 -6.10
N THR B 29 -13.76 -12.76 -7.11
CA THR B 29 -12.40 -12.28 -7.19
C THR B 29 -12.28 -11.02 -8.03
N ALA B 30 -11.20 -10.29 -7.83
CA ALA B 30 -10.93 -9.09 -8.59
C ALA B 30 -10.82 -9.46 -10.06
N HIS B 31 -10.18 -10.60 -10.33
CA HIS B 31 -10.00 -11.07 -11.70
C HIS B 31 -11.34 -11.23 -12.44
N ASP B 32 -12.32 -11.87 -11.80
CA ASP B 32 -13.61 -12.03 -12.45
C ASP B 32 -14.22 -10.65 -12.59
N LEU B 33 -13.91 -9.78 -11.63
CA LEU B 33 -14.41 -8.41 -11.62
C LEU B 33 -13.77 -7.59 -12.75
N SER B 34 -12.44 -7.59 -12.77
CA SER B 34 -11.66 -6.85 -13.77
C SER B 34 -11.95 -7.26 -15.19
N GLY B 35 -12.22 -8.55 -15.40
CA GLY B 35 -12.52 -9.05 -16.73
C GLY B 35 -14.00 -9.15 -16.97
N LYS B 36 -14.79 -8.36 -16.25
CA LYS B 36 -16.23 -8.38 -16.43
C LYS B 36 -16.69 -6.93 -16.54
N LEU B 37 -15.78 -6.01 -16.26
CA LEU B 37 -16.07 -4.59 -16.32
C LEU B 37 -15.14 -3.88 -17.29
N GLY B 38 -14.31 -4.65 -17.99
CA GLY B 38 -13.37 -4.05 -18.92
C GLY B 38 -12.54 -2.98 -18.22
N THR B 39 -11.82 -3.39 -17.18
CA THR B 39 -10.99 -2.49 -16.39
C THR B 39 -9.75 -3.21 -15.87
N PRO B 40 -8.62 -2.48 -15.73
CA PRO B 40 -7.37 -3.08 -15.23
C PRO B 40 -7.56 -3.66 -13.82
N LYS B 41 -6.96 -4.82 -13.56
CA LYS B 41 -7.08 -5.45 -12.26
C LYS B 41 -6.51 -4.53 -11.19
N LYS B 42 -5.55 -3.69 -11.58
CA LYS B 42 -4.94 -2.77 -10.63
C LYS B 42 -5.98 -1.78 -10.13
N GLU B 43 -6.81 -1.29 -11.04
CA GLU B 43 -7.87 -0.36 -10.69
C GLU B 43 -8.83 -1.07 -9.72
N ILE B 44 -9.39 -2.18 -10.19
CA ILE B 44 -10.33 -2.97 -9.40
C ILE B 44 -9.83 -3.19 -7.98
N ASN B 45 -8.58 -3.63 -7.84
CA ASN B 45 -8.00 -3.87 -6.53
C ASN B 45 -7.86 -2.59 -5.70
N ARG B 46 -7.52 -1.48 -6.35
CA ARG B 46 -7.40 -0.22 -5.63
C ARG B 46 -8.75 0.10 -5.00
N VAL B 47 -9.76 0.14 -5.84
CA VAL B 47 -11.12 0.42 -5.40
C VAL B 47 -11.53 -0.61 -4.35
N LEU B 48 -11.39 -1.89 -4.69
CA LEU B 48 -11.76 -2.98 -3.81
C LEU B 48 -11.19 -2.84 -2.40
N TYR B 49 -9.88 -2.70 -2.30
CA TYR B 49 -9.23 -2.56 -1.01
C TYR B 49 -9.62 -1.31 -0.24
N SER B 50 -10.02 -0.28 -0.98
CA SER B 50 -10.45 1.00 -0.42
C SER B 50 -11.86 0.87 0.16
N LEU B 51 -12.74 0.29 -0.64
CA LEU B 51 -14.12 0.09 -0.24
C LEU B 51 -14.23 -0.81 0.97
N ALA B 52 -13.25 -1.70 1.12
CA ALA B 52 -13.24 -2.62 2.25
C ALA B 52 -12.73 -1.93 3.51
N LYS B 53 -11.71 -1.09 3.34
CA LYS B 53 -11.16 -0.39 4.48
C LYS B 53 -12.27 0.47 5.09
N LYS B 54 -13.09 1.07 4.23
CA LYS B 54 -14.20 1.92 4.64
C LYS B 54 -15.34 1.11 5.24
N GLY B 55 -15.33 -0.20 4.98
CA GLY B 55 -16.38 -1.05 5.51
C GLY B 55 -17.51 -1.33 4.51
N LYS B 56 -17.51 -0.63 3.38
CA LYS B 56 -18.54 -0.82 2.36
C LYS B 56 -18.49 -2.21 1.70
N LEU B 57 -17.30 -2.79 1.67
CA LEU B 57 -17.12 -4.11 1.09
C LEU B 57 -16.45 -5.01 2.11
N GLN B 58 -16.65 -6.32 1.95
CA GLN B 58 -16.04 -7.27 2.84
C GLN B 58 -15.02 -8.14 2.12
N LYS B 59 -13.85 -8.28 2.72
CA LYS B 59 -12.77 -9.07 2.15
C LYS B 59 -12.51 -10.35 2.96
N GLU B 60 -12.51 -11.47 2.25
CA GLU B 60 -12.23 -12.75 2.88
C GLU B 60 -10.81 -13.10 2.48
N ALA B 61 -9.88 -12.89 3.40
CA ALA B 61 -8.48 -13.17 3.16
C ALA B 61 -8.33 -14.54 2.51
N GLY B 62 -7.58 -14.58 1.42
CA GLY B 62 -7.38 -15.83 0.73
C GLY B 62 -6.44 -15.65 -0.44
N THR B 63 -6.48 -16.61 -1.36
CA THR B 63 -5.63 -16.57 -2.53
C THR B 63 -6.34 -17.34 -3.63
N PRO B 64 -7.11 -16.63 -4.48
CA PRO B 64 -7.31 -15.18 -4.45
C PRO B 64 -8.18 -14.73 -3.29
N PRO B 65 -8.28 -13.40 -3.09
CA PRO B 65 -9.11 -12.89 -1.99
C PRO B 65 -10.52 -12.69 -2.56
N LEU B 66 -11.54 -12.92 -1.73
CA LEU B 66 -12.91 -12.77 -2.20
C LEU B 66 -13.61 -11.54 -1.61
N TRP B 67 -14.38 -10.86 -2.46
CA TRP B 67 -15.07 -9.65 -2.04
C TRP B 67 -16.58 -9.75 -2.22
N LYS B 68 -17.33 -9.11 -1.33
CA LYS B 68 -18.79 -9.11 -1.35
C LYS B 68 -19.30 -7.88 -0.62
N ILE B 69 -20.58 -7.55 -0.85
CA ILE B 69 -21.21 -6.43 -0.18
C ILE B 69 -21.13 -6.67 1.33
N ALA B 70 -20.89 -5.60 2.10
CA ALA B 70 -20.78 -5.72 3.55
C ALA B 70 -22.11 -5.49 4.27
N SER C 6 2.80 -4.11 19.46
CA SER C 6 3.07 -3.20 18.30
C SER C 6 3.13 -1.74 18.73
N ILE C 7 4.09 -0.99 18.19
CA ILE C 7 4.22 0.41 18.52
C ILE C 7 3.24 1.25 17.70
N TYR C 8 2.99 0.80 16.47
CA TYR C 8 2.05 1.49 15.61
C TYR C 8 0.69 1.35 16.24
N GLN C 9 0.39 0.16 16.76
CA GLN C 9 -0.90 -0.07 17.41
C GLN C 9 -1.02 0.81 18.63
N ASP C 10 0.00 0.79 19.48
CA ASP C 10 0.00 1.62 20.67
C ASP C 10 -0.27 3.07 20.31
N GLN C 11 0.43 3.58 19.29
CA GLN C 11 0.24 4.97 18.87
C GLN C 11 -1.16 5.24 18.35
N GLU C 12 -1.78 4.29 17.66
CA GLU C 12 -3.14 4.49 17.17
C GLU C 12 -4.07 4.61 18.37
N GLN C 13 -3.80 3.79 19.37
CA GLN C 13 -4.58 3.74 20.57
C GLN C 13 -4.38 4.98 21.44
N ARG C 14 -3.17 5.53 21.42
CA ARG C 14 -2.91 6.74 22.21
C ARG C 14 -3.66 7.91 21.56
N ILE C 15 -3.75 7.88 20.23
CA ILE C 15 -4.45 8.93 19.50
C ILE C 15 -5.96 8.85 19.79
N LEU C 16 -6.52 7.67 19.61
CA LEU C 16 -7.93 7.44 19.85
C LEU C 16 -8.28 7.84 21.27
N LYS C 17 -7.49 7.36 22.21
CA LYS C 17 -7.73 7.68 23.61
C LYS C 17 -7.70 9.18 23.82
N PHE C 18 -6.69 9.84 23.24
CA PHE C 18 -6.58 11.27 23.40
C PHE C 18 -7.85 11.97 22.90
N LEU C 19 -8.29 11.65 21.69
CA LEU C 19 -9.48 12.30 21.17
C LEU C 19 -10.69 11.98 22.03
N GLU C 20 -10.75 10.76 22.56
CA GLU C 20 -11.86 10.37 23.43
C GLU C 20 -11.88 11.28 24.66
N GLU C 21 -10.71 11.53 25.24
CA GLU C 21 -10.63 12.37 26.42
C GLU C 21 -10.91 13.84 26.14
N LEU C 22 -10.57 14.30 24.94
CA LEU C 22 -10.83 15.68 24.56
C LEU C 22 -12.35 15.76 24.52
N GLY C 23 -12.97 14.66 24.13
CA GLY C 23 -14.42 14.59 24.09
C GLY C 23 -15.03 14.52 22.71
N GLU C 24 -15.97 13.61 22.53
CA GLU C 24 -16.63 13.48 21.24
C GLU C 24 -17.16 14.85 20.84
N GLY C 25 -17.01 15.19 19.56
CA GLY C 25 -17.47 16.48 19.09
C GLY C 25 -16.37 17.53 19.08
N LYS C 26 -15.35 17.32 19.91
CA LYS C 26 -14.24 18.25 20.01
C LYS C 26 -13.17 17.88 19.00
N ALA C 27 -12.69 18.88 18.27
CA ALA C 27 -11.68 18.63 17.25
C ALA C 27 -10.33 19.21 17.63
N THR C 28 -9.27 18.63 17.10
CA THR C 28 -7.92 19.10 17.34
C THR C 28 -7.11 18.87 16.06
N THR C 29 -5.88 19.38 16.01
CA THR C 29 -5.06 19.22 14.81
C THR C 29 -3.98 18.16 15.00
N ALA C 30 -3.37 17.71 13.91
CA ALA C 30 -2.29 16.72 13.98
C ALA C 30 -1.10 17.31 14.76
N HIS C 31 -0.84 18.60 14.55
CA HIS C 31 0.25 19.30 15.23
C HIS C 31 0.05 19.15 16.73
N ASP C 32 -1.18 19.39 17.19
CA ASP C 32 -1.47 19.26 18.61
C ASP C 32 -1.24 17.83 19.08
N LEU C 33 -1.80 16.86 18.36
CA LEU C 33 -1.63 15.44 18.68
C LEU C 33 -0.14 15.13 18.83
N SER C 34 0.61 15.43 17.77
CA SER C 34 2.05 15.24 17.70
C SER C 34 2.75 15.75 18.95
N GLY C 35 2.51 17.00 19.29
CA GLY C 35 3.11 17.59 20.45
C GLY C 35 2.77 16.88 21.74
N LYS C 36 1.49 16.67 22.00
CA LYS C 36 1.01 16.00 23.20
C LYS C 36 1.53 14.58 23.40
N LEU C 37 1.57 13.80 22.33
CA LEU C 37 2.02 12.42 22.41
C LEU C 37 3.51 12.24 22.10
N GLY C 38 4.20 13.33 21.77
CA GLY C 38 5.61 13.23 21.44
C GLY C 38 5.84 12.22 20.32
N THR C 39 5.07 12.39 19.24
CA THR C 39 5.14 11.51 18.09
C THR C 39 5.29 12.38 16.87
N PRO C 40 6.19 12.04 15.95
CA PRO C 40 6.39 12.85 14.74
C PRO C 40 5.07 13.13 14.05
N LYS C 41 4.90 14.35 13.55
CA LYS C 41 3.65 14.73 12.89
C LYS C 41 3.32 13.83 11.68
N LYS C 42 4.36 13.34 11.02
CA LYS C 42 4.19 12.45 9.87
C LYS C 42 3.46 11.18 10.28
N GLU C 43 3.88 10.58 11.40
CA GLU C 43 3.26 9.35 11.88
C GLU C 43 1.84 9.61 12.40
N ILE C 44 1.65 10.74 13.04
CA ILE C 44 0.33 11.07 13.55
C ILE C 44 -0.61 11.12 12.35
N ASN C 45 -0.16 11.76 11.26
CA ASN C 45 -0.96 11.88 10.05
C ASN C 45 -1.22 10.56 9.33
N ARG C 46 -0.20 9.69 9.25
CA ARG C 46 -0.37 8.39 8.62
C ARG C 46 -1.59 7.77 9.31
N VAL C 47 -1.56 7.77 10.63
CA VAL C 47 -2.63 7.22 11.44
C VAL C 47 -3.93 7.98 11.31
N LEU C 48 -3.88 9.30 11.43
CA LEU C 48 -5.10 10.11 11.33
C LEU C 48 -5.88 9.88 10.06
N TYR C 49 -5.20 9.91 8.92
CA TYR C 49 -5.87 9.69 7.65
C TYR C 49 -6.33 8.25 7.51
N SER C 50 -5.61 7.34 8.13
CA SER C 50 -5.99 5.94 8.08
C SER C 50 -7.31 5.71 8.83
N LEU C 51 -7.39 6.24 10.05
CA LEU C 51 -8.59 6.07 10.85
C LEU C 51 -9.79 6.76 10.21
N ALA C 52 -9.55 7.87 9.52
CA ALA C 52 -10.65 8.57 8.87
C ALA C 52 -11.23 7.76 7.70
N LYS C 53 -10.40 6.92 7.07
CA LYS C 53 -10.84 6.08 5.95
C LYS C 53 -11.67 4.92 6.48
N LYS C 54 -11.36 4.48 7.69
CA LYS C 54 -12.09 3.41 8.32
C LYS C 54 -13.33 4.05 8.93
N GLY C 55 -13.44 5.37 8.79
CA GLY C 55 -14.57 6.08 9.33
C GLY C 55 -14.63 6.18 10.85
N LYS C 56 -13.52 5.89 11.52
CA LYS C 56 -13.47 5.97 12.98
C LYS C 56 -13.44 7.45 13.35
N LEU C 57 -12.63 8.21 12.62
CA LEU C 57 -12.49 9.64 12.83
C LEU C 57 -13.12 10.41 11.66
N GLN C 58 -13.42 11.68 11.91
CA GLN C 58 -14.02 12.52 10.88
C GLN C 58 -13.08 13.69 10.70
N LYS C 59 -12.71 13.96 9.46
CA LYS C 59 -11.79 15.03 9.14
C LYS C 59 -12.51 16.26 8.62
N GLU C 60 -12.30 17.38 9.29
CA GLU C 60 -12.89 18.63 8.88
C GLU C 60 -11.85 19.35 8.04
N ALA C 61 -12.15 19.50 6.75
CA ALA C 61 -11.24 20.17 5.82
C ALA C 61 -10.77 21.50 6.38
N GLY C 62 -9.61 21.94 5.92
CA GLY C 62 -9.09 23.19 6.41
C GLY C 62 -7.59 23.28 6.29
N THR C 63 -7.04 24.36 6.83
CA THR C 63 -5.61 24.57 6.77
C THR C 63 -5.13 25.15 8.08
N PRO C 64 -4.70 24.29 9.02
CA PRO C 64 -4.65 22.83 8.89
C PRO C 64 -5.97 22.13 9.18
N PRO C 65 -6.08 20.84 8.81
CA PRO C 65 -7.28 20.02 9.01
C PRO C 65 -7.54 19.71 10.50
N LEU C 66 -8.81 19.66 10.88
CA LEU C 66 -9.16 19.37 12.26
C LEU C 66 -9.68 17.94 12.30
N TRP C 67 -9.38 17.24 13.39
CA TRP C 67 -9.78 15.86 13.54
C TRP C 67 -10.50 15.61 14.84
N LYS C 68 -11.49 14.72 14.80
CA LYS C 68 -12.24 14.37 15.99
C LYS C 68 -12.94 13.02 15.80
N ILE C 69 -13.56 12.56 16.87
CA ILE C 69 -14.35 11.33 16.83
C ILE C 69 -15.75 11.93 16.67
N ALA C 70 -16.46 11.54 15.60
CA ALA C 70 -17.81 12.06 15.36
C ALA C 70 -18.82 11.60 16.42
N VAL C 71 -19.69 12.53 16.83
CA VAL C 71 -20.71 12.25 17.85
C VAL C 71 -21.63 11.06 17.50
#